data_5E9E
#
_entry.id   5E9E
#
_cell.length_a   82.601
_cell.length_b   110.112
_cell.length_c   78.265
_cell.angle_alpha   90.000
_cell.angle_beta   90.000
_cell.angle_gamma   90.000
#
_symmetry.space_group_name_H-M   'P 21 21 2'
#
loop_
_entity.id
_entity.type
_entity.pdbx_description
1 polymer 'Myosin-II heavy chain kinase A'
2 non-polymer 'PHOSPHOAMINOPHOSPHONIC ACID-ADENYLATE ESTER'
3 non-polymer 'ZINC ION'
4 non-polymer 'PHOSPHATE ION'
5 water water
#
_entity_poly.entity_id   1
_entity_poly.type   'polypeptide(L)'
_entity_poly.pdbx_seq_one_letter_code
;MGGHHHHHHGENLYFQGISSETGEMGILWEFDPIINKWIRLSMKLKVERKPFAEGALREAYHTVSLGVGTDENYPLGTTT
KLFPPIEMISPISKNNEAMTQLKNGTKFVLKLYKKEAEQQASRELYFEDVKMQMVCRDWGNKFNQKKPPKKIEFLMSWVV
ELIDRSPSSNGQPILCSIEPLLVGEFKKNNSNYGAVLTNRSTPQAFSHFTYELSNKQMIVVDIQGVDDLYTDPQIHTPDG
KGFGLGNLGKAGINKFITTHKCNAVCALLDLDVKLGGVLSGNNKKQLQQGTMVMPDILPELMPSDNT
;
_entity_poly.pdbx_strand_id   A,B
#
# COMPACT_ATOMS: atom_id res chain seq x y z
N ILE A 18 -14.58 11.71 -23.72
CA ILE A 18 -14.23 13.09 -24.22
C ILE A 18 -15.35 13.77 -25.04
N SER A 19 -15.66 15.00 -24.64
CA SER A 19 -16.73 15.81 -25.21
C SER A 19 -16.28 16.64 -26.41
N SER A 20 -17.24 16.91 -27.31
CA SER A 20 -17.01 17.72 -28.53
C SER A 20 -17.02 19.23 -28.22
N GLU A 21 -17.52 19.63 -27.05
CA GLU A 21 -17.48 21.04 -26.61
C GLU A 21 -16.03 21.56 -26.57
N THR A 22 -15.86 22.87 -26.71
CA THR A 22 -14.51 23.47 -26.75
C THR A 22 -13.90 23.65 -25.34
N GLY A 23 -12.63 23.26 -25.25
CA GLY A 23 -11.80 23.43 -24.07
C GLY A 23 -10.38 23.08 -24.50
N GLU A 24 -9.57 22.53 -23.60
CA GLU A 24 -8.23 22.12 -23.96
C GLU A 24 -7.95 20.69 -23.53
N MET A 25 -7.04 20.06 -24.24
CA MET A 25 -6.70 18.67 -24.01
C MET A 25 -5.58 18.58 -23.00
N GLY A 26 -5.54 17.45 -22.31
CA GLY A 26 -4.44 17.17 -21.40
C GLY A 26 -4.12 15.70 -21.34
N ILE A 27 -2.84 15.38 -21.14
CA ILE A 27 -2.42 14.04 -20.72
C ILE A 27 -2.55 14.03 -19.20
N LEU A 28 -3.24 13.03 -18.69
CA LEU A 28 -3.64 12.95 -17.31
C LEU A 28 -2.97 11.73 -16.68
N TRP A 29 -2.32 11.93 -15.54
CA TRP A 29 -1.56 10.86 -14.91
C TRP A 29 -2.10 10.55 -13.51
N GLU A 30 -2.43 9.29 -13.29
CA GLU A 30 -2.91 8.81 -12.00
C GLU A 30 -1.90 7.82 -11.44
N PHE A 31 -1.48 8.01 -10.21
CA PHE A 31 -0.62 7.00 -9.54
C PHE A 31 -1.46 6.05 -8.70
N ASP A 32 -1.17 4.76 -8.84
CA ASP A 32 -1.84 3.75 -8.05
C ASP A 32 -0.82 3.06 -7.17
N PRO A 33 -0.85 3.37 -5.86
CA PRO A 33 0.15 2.79 -4.95
C PRO A 33 0.12 1.29 -4.82
N ILE A 34 -1.05 0.67 -4.96
CA ILE A 34 -1.13 -0.76 -4.69
C ILE A 34 -0.49 -1.62 -5.78
N ILE A 35 -0.38 -1.09 -7.00
CA ILE A 35 0.47 -1.68 -8.05
C ILE A 35 1.74 -0.87 -8.34
N ASN A 36 1.90 0.27 -7.65
CA ASN A 36 3.10 1.08 -7.77
C ASN A 36 3.40 1.49 -9.23
N LYS A 37 2.35 1.92 -9.91
CA LYS A 37 2.51 2.39 -11.27
C LYS A 37 1.64 3.58 -11.56
N TRP A 38 2.07 4.35 -12.55
CA TRP A 38 1.32 5.43 -13.07
C TRP A 38 0.42 4.92 -14.18
N ILE A 39 -0.76 5.53 -14.30
CA ILE A 39 -1.75 5.22 -15.30
C ILE A 39 -1.93 6.47 -16.12
N ARG A 40 -1.74 6.34 -17.42
CA ARG A 40 -1.67 7.48 -18.30
C ARG A 40 -2.92 7.54 -19.13
N LEU A 41 -3.57 8.69 -19.11
CA LEU A 41 -4.88 8.89 -19.70
C LEU A 41 -4.87 10.20 -20.43
N SER A 42 -6.00 10.58 -21.01
CA SER A 42 -6.15 11.92 -21.56
C SER A 42 -7.41 12.51 -20.97
N MET A 43 -7.52 13.82 -21.01
CA MET A 43 -8.78 14.47 -20.67
C MET A 43 -8.93 15.79 -21.41
N LYS A 44 -10.15 16.32 -21.40
CA LYS A 44 -10.38 17.67 -21.88
C LYS A 44 -10.92 18.49 -20.72
N LEU A 45 -10.51 19.74 -20.66
CA LEU A 45 -10.90 20.59 -19.55
C LEU A 45 -11.00 22.03 -19.96
N LYS A 46 -11.82 22.76 -19.22
CA LYS A 46 -11.94 24.20 -19.41
C LYS A 46 -11.63 24.87 -18.09
N VAL A 47 -10.60 25.70 -18.08
CA VAL A 47 -10.17 26.31 -16.84
C VAL A 47 -10.40 27.81 -16.91
N GLU A 48 -10.95 28.36 -15.84
CA GLU A 48 -11.17 29.80 -15.73
C GLU A 48 -9.85 30.54 -15.82
N ARG A 49 -9.93 31.77 -16.34
CA ARG A 49 -8.75 32.56 -16.66
C ARG A 49 -8.01 33.01 -15.40
N LYS A 50 -8.76 33.26 -14.32
CA LYS A 50 -8.19 33.78 -13.08
C LYS A 50 -8.27 32.75 -11.98
N PRO A 51 -7.23 32.68 -11.12
CA PRO A 51 -7.29 31.80 -9.97
C PRO A 51 -8.25 32.28 -8.91
N PHE A 52 -8.86 31.37 -8.18
CA PHE A 52 -9.79 31.72 -7.11
C PHE A 52 -9.12 31.67 -5.74
N ALA A 53 -7.86 31.25 -5.68
CA ALA A 53 -7.15 31.13 -4.41
C ALA A 53 -5.67 30.91 -4.63
N GLU A 54 -4.88 31.08 -3.58
CA GLU A 54 -3.46 30.84 -3.69
C GLU A 54 -2.85 30.49 -2.35
N GLY A 55 -1.65 29.95 -2.41
CA GLY A 55 -0.86 29.66 -1.23
C GLY A 55 0.53 30.21 -1.40
N ALA A 56 1.48 29.67 -0.64
CA ALA A 56 2.85 30.13 -0.71
C ALA A 56 3.44 29.92 -2.11
N LEU A 57 3.31 28.71 -2.66
CA LEU A 57 3.95 28.37 -3.95
C LEU A 57 3.00 28.27 -5.16
N ARG A 58 1.70 28.07 -4.96
CA ARG A 58 0.80 27.81 -6.08
C ARG A 58 -0.48 28.64 -6.10
N GLU A 59 -1.05 28.78 -7.30
CA GLU A 59 -2.40 29.32 -7.49
C GLU A 59 -3.36 28.22 -7.95
N ALA A 60 -4.61 28.36 -7.57
CA ALA A 60 -5.62 27.36 -7.82
C ALA A 60 -6.71 27.97 -8.67
N TYR A 61 -7.21 27.21 -9.64
CA TYR A 61 -8.21 27.69 -10.60
C TYR A 61 -9.41 26.76 -10.63
N HIS A 62 -10.60 27.32 -10.73
CA HIS A 62 -11.77 26.48 -10.99
C HIS A 62 -11.67 25.98 -12.42
N THR A 63 -12.06 24.73 -12.60
CA THR A 63 -11.95 24.05 -13.88
C THR A 63 -13.16 23.15 -14.01
N VAL A 64 -13.60 22.92 -15.23
CA VAL A 64 -14.66 21.95 -15.46
C VAL A 64 -14.12 20.87 -16.40
N SER A 65 -14.48 19.63 -16.10
CA SER A 65 -14.08 18.51 -16.92
C SER A 65 -14.97 18.36 -18.15
N LEU A 66 -14.33 18.16 -19.30
CA LEU A 66 -15.06 17.85 -20.52
C LEU A 66 -14.79 16.41 -20.91
N GLY A 67 -14.54 15.56 -19.91
CA GLY A 67 -14.40 14.14 -20.14
C GLY A 67 -12.99 13.60 -20.03
N VAL A 68 -12.91 12.29 -19.80
CA VAL A 68 -11.67 11.58 -19.66
C VAL A 68 -11.62 10.51 -20.72
N GLY A 69 -10.47 10.33 -21.34
CA GLY A 69 -10.31 9.30 -22.35
C GLY A 69 -9.03 8.53 -22.13
N THR A 70 -8.73 7.65 -23.07
CA THR A 70 -7.48 6.93 -23.06
C THR A 70 -6.37 7.82 -23.61
N ASP A 71 -5.14 7.36 -23.49
CA ASP A 71 -4.01 8.06 -24.05
C ASP A 71 -3.56 7.54 -25.43
N GLU A 72 -4.38 6.72 -26.10
CA GLU A 72 -3.93 6.04 -27.33
C GLU A 72 -3.59 6.99 -28.49
N ASN A 73 -4.27 8.13 -28.57
CA ASN A 73 -3.92 9.13 -29.58
C ASN A 73 -2.61 9.87 -29.37
N TYR A 74 -2.01 9.76 -28.19
CA TYR A 74 -0.89 10.61 -27.83
C TYR A 74 0.28 9.74 -27.39
N PRO A 75 0.87 8.99 -28.35
CA PRO A 75 1.94 8.08 -28.01
C PRO A 75 3.13 8.74 -27.33
N LEU A 76 3.89 7.94 -26.60
CA LEU A 76 5.05 8.39 -25.87
C LEU A 76 6.28 8.53 -26.76
N GLY A 77 6.51 7.55 -27.63
CA GLY A 77 7.76 7.44 -28.38
C GLY A 77 8.94 7.29 -27.43
N THR A 78 10.12 7.72 -27.91
CA THR A 78 11.39 7.89 -27.15
C THR A 78 12.51 7.16 -27.89
N LYS A 81 13.32 9.98 -23.42
CA LYS A 81 13.08 9.20 -22.19
C LYS A 81 12.77 10.11 -20.99
N LEU A 82 11.52 10.53 -20.92
CA LEU A 82 11.05 11.39 -19.83
C LEU A 82 10.50 10.54 -18.68
N PHE A 83 10.19 11.27 -17.63
CA PHE A 83 9.68 10.72 -16.42
C PHE A 83 8.15 10.70 -16.50
N PRO A 84 7.50 9.66 -15.99
CA PRO A 84 8.16 8.54 -15.36
C PRO A 84 8.65 7.53 -16.38
N PRO A 85 9.61 6.69 -15.97
CA PRO A 85 10.11 5.69 -16.91
C PRO A 85 9.06 4.65 -17.26
N ILE A 86 9.21 4.05 -18.43
CA ILE A 86 8.24 3.12 -18.98
C ILE A 86 7.91 1.98 -18.01
N GLU A 87 8.90 1.52 -17.25
CA GLU A 87 8.64 0.40 -16.32
C GLU A 87 7.81 0.81 -15.11
N MET A 88 7.62 2.11 -14.90
CA MET A 88 6.76 2.64 -13.84
C MET A 88 5.36 2.98 -14.37
N ILE A 89 5.08 2.64 -15.62
CA ILE A 89 3.84 3.00 -16.24
C ILE A 89 3.05 1.75 -16.49
N SER A 90 1.79 1.71 -16.07
CA SER A 90 0.93 0.59 -16.36
C SER A 90 0.62 0.57 -17.87
N PRO A 91 0.83 -0.57 -18.52
CA PRO A 91 0.42 -0.66 -19.93
C PRO A 91 -1.09 -0.63 -20.12
N ILE A 92 -1.84 -0.90 -19.06
CA ILE A 92 -3.30 -0.92 -19.11
C ILE A 92 -3.90 0.12 -18.16
N SER A 93 -4.95 0.77 -18.64
CA SER A 93 -5.51 1.90 -17.98
C SER A 93 -7.03 1.86 -17.90
N LYS A 94 -7.64 0.69 -18.14
CA LYS A 94 -9.10 0.53 -18.06
C LYS A 94 -9.66 0.93 -16.72
N ASN A 95 -8.94 0.68 -15.64
CA ASN A 95 -9.45 1.09 -14.33
C ASN A 95 -8.64 2.21 -13.72
N ASN A 96 -9.35 3.19 -13.22
CA ASN A 96 -8.76 4.36 -12.65
C ASN A 96 -9.86 5.16 -11.98
N GLU A 97 -9.47 6.02 -11.05
CA GLU A 97 -10.40 6.87 -10.34
C GLU A 97 -10.89 8.02 -11.19
N ALA A 98 -10.01 8.51 -12.06
CA ALA A 98 -10.30 9.66 -12.90
C ALA A 98 -11.60 9.52 -13.68
N MET A 99 -11.86 8.34 -14.22
CA MET A 99 -13.01 8.16 -15.09
C MET A 99 -14.33 8.43 -14.35
N THR A 100 -14.42 8.13 -13.06
CA THR A 100 -15.63 8.55 -12.32
C THR A 100 -15.44 9.95 -11.71
N GLN A 101 -14.30 10.22 -11.09
CA GLN A 101 -14.16 11.49 -10.34
C GLN A 101 -13.95 12.71 -11.21
N LEU A 102 -13.56 12.52 -12.46
CA LEU A 102 -13.41 13.64 -13.38
C LEU A 102 -14.30 13.48 -14.62
N LYS A 103 -15.42 12.77 -14.47
CA LYS A 103 -16.38 12.60 -15.56
C LYS A 103 -16.87 13.95 -16.07
N ASN A 104 -17.32 14.00 -17.32
CA ASN A 104 -17.82 15.22 -17.95
C ASN A 104 -18.76 16.02 -17.04
N GLY A 105 -18.51 17.32 -16.89
CA GLY A 105 -19.33 18.18 -16.04
C GLY A 105 -18.80 18.43 -14.63
N THR A 106 -17.86 17.60 -14.16
CA THR A 106 -17.28 17.77 -12.82
C THR A 106 -16.52 19.08 -12.70
N LYS A 107 -16.77 19.77 -11.61
CA LYS A 107 -16.03 20.95 -11.24
C LYS A 107 -14.88 20.47 -10.39
N PHE A 108 -13.70 21.01 -10.63
CA PHE A 108 -12.51 20.58 -9.93
C PHE A 108 -11.47 21.68 -9.96
N VAL A 109 -10.31 21.42 -9.37
CA VAL A 109 -9.31 22.44 -9.17
C VAL A 109 -8.05 22.09 -9.93
N LEU A 110 -7.43 23.13 -10.50
CA LEU A 110 -6.17 23.02 -11.21
C LEU A 110 -5.19 23.92 -10.53
N LYS A 111 -4.01 23.41 -10.25
CA LYS A 111 -3.01 24.17 -9.55
C LYS A 111 -1.76 24.35 -10.38
N LEU A 112 -1.33 25.60 -10.50
CA LEU A 112 -0.11 25.94 -11.22
C LEU A 112 0.86 26.56 -10.26
N TYR A 113 2.14 26.29 -10.42
CA TYR A 113 3.15 26.98 -9.63
C TYR A 113 3.22 28.44 -10.10
N LYS A 114 3.49 29.33 -9.16
CA LYS A 114 3.74 30.74 -9.46
C LYS A 114 5.18 30.84 -9.93
N LYS A 115 5.47 31.74 -10.86
CA LYS A 115 6.78 31.72 -11.48
C LYS A 115 7.91 31.91 -10.45
N GLU A 116 7.76 32.88 -9.55
CA GLU A 116 8.68 33.00 -8.42
C GLU A 116 8.30 31.96 -7.36
N GLN A 119 9.14 28.35 -10.47
CA GLN A 119 10.06 27.65 -11.39
C GLN A 119 11.32 26.97 -10.74
N GLN A 120 11.28 26.62 -9.47
CA GLN A 120 12.09 25.49 -8.96
C GLN A 120 11.36 24.16 -9.22
N ALA A 121 10.11 24.27 -9.68
CA ALA A 121 9.34 23.14 -10.20
C ALA A 121 10.02 22.45 -11.38
N SER A 122 10.26 21.15 -11.23
CA SER A 122 10.71 20.30 -12.30
C SER A 122 9.63 19.26 -12.59
N ARG A 123 9.73 18.61 -13.74
CA ARG A 123 8.77 17.62 -14.14
C ARG A 123 8.58 16.59 -13.05
N GLU A 124 9.71 16.06 -12.56
CA GLU A 124 9.75 15.02 -11.52
C GLU A 124 8.97 15.45 -10.30
N LEU A 125 9.11 16.73 -9.96
CA LEU A 125 8.46 17.28 -8.79
C LEU A 125 6.95 17.17 -8.82
N TYR A 126 6.33 17.33 -9.99
CA TYR A 126 4.86 17.26 -10.04
C TYR A 126 4.42 15.85 -9.74
N PHE A 127 5.17 14.89 -10.27
CA PHE A 127 4.85 13.51 -10.03
C PHE A 127 5.11 13.12 -8.58
N GLU A 128 6.15 13.67 -7.98
CA GLU A 128 6.41 13.42 -6.55
C GLU A 128 5.28 13.93 -5.68
N ASP A 129 4.79 15.13 -5.96
CA ASP A 129 3.73 15.71 -5.14
C ASP A 129 2.47 14.88 -5.23
N VAL A 130 2.12 14.47 -6.43
CA VAL A 130 0.92 13.65 -6.62
C VAL A 130 1.10 12.27 -5.97
N LYS A 131 2.27 11.65 -6.12
CA LYS A 131 2.51 10.38 -5.45
C LYS A 131 2.38 10.54 -3.94
N MET A 132 3.01 11.59 -3.43
CA MET A 132 2.90 11.89 -1.99
C MET A 132 1.48 11.93 -1.53
N GLN A 133 0.65 12.64 -2.26
CA GLN A 133 -0.73 12.72 -1.83
C GLN A 133 -1.40 11.35 -1.86
N MET A 134 -1.07 10.53 -2.85
CA MET A 134 -1.60 9.18 -2.89
C MET A 134 -1.11 8.33 -1.71
N VAL A 135 0.13 8.53 -1.30
CA VAL A 135 0.64 7.80 -0.15
C VAL A 135 -0.12 8.22 1.11
N CYS A 136 -0.37 9.53 1.26
CA CYS A 136 -1.13 10.03 2.40
C CYS A 136 -2.55 9.47 2.38
N ARG A 137 -3.10 9.32 1.20
CA ARG A 137 -4.41 8.74 1.06
C ARG A 137 -4.42 7.32 1.64
N ASP A 138 -3.35 6.56 1.42
CA ASP A 138 -3.20 5.24 2.06
C ASP A 138 -3.12 5.30 3.59
N TRP A 139 -2.42 6.30 4.11
CA TRP A 139 -2.34 6.47 5.55
C TRP A 139 -3.68 6.82 6.16
N GLY A 140 -4.43 7.66 5.46
CA GLY A 140 -5.83 7.90 5.79
C GLY A 140 -6.61 6.62 5.97
N ASN A 141 -6.52 5.70 5.01
CA ASN A 141 -7.33 4.48 5.12
C ASN A 141 -6.89 3.62 6.29
N LYS A 142 -5.58 3.62 6.55
CA LYS A 142 -5.03 2.85 7.66
C LYS A 142 -5.51 3.41 9.00
N PHE A 143 -5.54 4.74 9.07
CA PHE A 143 -6.05 5.44 10.24
C PHE A 143 -7.51 5.08 10.46
N ASN A 144 -8.30 5.15 9.39
CA ASN A 144 -9.71 4.87 9.48
C ASN A 144 -10.02 3.46 9.92
N GLN A 145 -9.23 2.50 9.48
CA GLN A 145 -9.41 1.13 9.91
C GLN A 145 -9.28 0.92 11.45
N LYS A 146 -8.73 1.89 12.18
CA LYS A 146 -8.74 1.85 13.64
C LYS A 146 -10.06 2.38 14.20
N LYS A 147 -10.95 2.83 13.33
CA LYS A 147 -12.30 3.24 13.72
C LYS A 147 -12.26 4.39 14.73
N PRO A 148 -11.59 5.48 14.35
CA PRO A 148 -11.60 6.65 15.19
C PRO A 148 -12.95 7.34 15.15
N PRO A 149 -13.18 8.33 16.04
CA PRO A 149 -14.46 9.02 16.06
C PRO A 149 -14.75 9.76 14.76
N LYS A 150 -13.72 10.31 14.13
CA LYS A 150 -13.88 10.93 12.80
C LYS A 150 -12.92 10.30 11.80
N LYS A 151 -13.49 9.62 10.81
CA LYS A 151 -12.71 9.08 9.69
C LYS A 151 -12.17 10.27 8.94
N ILE A 152 -11.03 10.08 8.30
CA ILE A 152 -10.49 11.11 7.42
C ILE A 152 -10.35 10.59 5.99
N GLU A 153 -10.02 11.50 5.09
CA GLU A 153 -9.81 11.13 3.72
C GLU A 153 -9.02 12.21 3.01
N PHE A 154 -8.08 11.78 2.19
CA PHE A 154 -7.36 12.70 1.34
C PHE A 154 -7.88 12.58 -0.06
N LEU A 155 -8.06 13.71 -0.70
CA LEU A 155 -8.51 13.75 -2.08
C LEU A 155 -7.48 13.14 -3.00
N MET A 156 -7.98 12.58 -4.09
CA MET A 156 -7.14 12.21 -5.21
C MET A 156 -6.44 13.46 -5.69
N SER A 157 -5.33 13.24 -6.37
CA SER A 157 -4.70 14.28 -7.10
C SER A 157 -4.07 13.62 -8.31
N TRP A 158 -3.82 14.40 -9.36
CA TRP A 158 -3.34 13.89 -10.64
C TRP A 158 -2.40 14.88 -11.26
N VAL A 159 -1.45 14.41 -12.06
CA VAL A 159 -0.66 15.32 -12.88
C VAL A 159 -1.34 15.51 -14.24
N VAL A 160 -1.34 16.74 -14.75
CA VAL A 160 -1.84 17.00 -16.10
C VAL A 160 -0.84 17.77 -16.94
N GLU A 161 -0.52 17.21 -18.11
CA GLU A 161 0.27 17.89 -19.13
C GLU A 161 -0.68 18.64 -20.05
N LEU A 162 -0.60 19.97 -20.04
CA LEU A 162 -1.52 20.83 -20.78
C LEU A 162 -0.97 20.96 -22.19
N ILE A 163 -1.21 19.92 -22.99
CA ILE A 163 -0.55 19.76 -24.30
C ILE A 163 -0.99 20.78 -25.36
N ASP A 164 -2.18 21.35 -25.21
CA ASP A 164 -2.63 22.42 -26.11
C ASP A 164 -1.91 23.76 -25.91
N ARG A 165 -1.33 23.96 -24.72
CA ARG A 165 -0.69 25.22 -24.43
C ARG A 165 0.70 25.23 -24.99
N SER A 166 1.11 26.41 -25.39
CA SER A 166 2.44 26.57 -25.90
C SER A 166 3.48 26.21 -24.84
N PRO A 167 4.45 25.37 -25.23
CA PRO A 167 5.50 24.94 -24.32
C PRO A 167 6.12 26.07 -23.55
N SER A 168 6.71 25.71 -22.42
CA SER A 168 7.41 26.65 -21.57
C SER A 168 8.71 27.14 -22.23
N SER A 169 9.41 28.01 -21.52
CA SER A 169 10.82 28.29 -21.83
C SER A 169 11.59 26.95 -21.90
N ASN A 170 11.16 25.96 -21.12
CA ASN A 170 11.73 24.61 -21.13
C ASN A 170 11.72 23.93 -22.53
N GLY A 171 10.64 24.11 -23.28
CA GLY A 171 10.39 23.30 -24.49
C GLY A 171 9.64 22.01 -24.17
N GLN A 172 9.47 21.70 -22.87
CA GLN A 172 8.68 20.57 -22.37
C GLN A 172 7.39 21.20 -21.87
N PRO A 173 6.27 20.47 -21.96
CA PRO A 173 4.94 21.14 -21.85
C PRO A 173 4.63 21.77 -20.49
N ILE A 174 3.63 22.65 -20.48
CA ILE A 174 3.11 23.24 -19.26
C ILE A 174 2.54 22.11 -18.41
N LEU A 175 3.03 21.99 -17.18
CA LEU A 175 2.53 21.01 -16.24
C LEU A 175 1.69 21.68 -15.17
N CYS A 176 0.78 20.90 -14.60
CA CYS A 176 -0.04 21.35 -13.51
C CYS A 176 -0.47 20.10 -12.73
N SER A 177 -1.11 20.27 -11.58
CA SER A 177 -1.76 19.14 -10.94
C SER A 177 -3.18 19.51 -10.78
N ILE A 178 -4.02 18.50 -10.63
CA ILE A 178 -5.44 18.74 -10.45
C ILE A 178 -5.98 17.87 -9.35
N GLU A 179 -7.13 18.28 -8.81
CA GLU A 179 -7.77 17.55 -7.72
C GLU A 179 -9.23 17.96 -7.61
N PRO A 180 -10.06 17.15 -6.92
CA PRO A 180 -11.46 17.51 -6.72
C PRO A 180 -11.61 18.85 -6.01
N LEU A 181 -12.75 19.50 -6.19
CA LEU A 181 -13.03 20.78 -5.57
C LEU A 181 -13.50 20.54 -4.17
N LEU A 182 -12.87 21.17 -3.19
CA LEU A 182 -13.41 21.12 -1.82
C LEU A 182 -14.48 22.20 -1.66
N VAL A 183 -15.65 21.79 -1.20
CA VAL A 183 -16.72 22.74 -0.93
C VAL A 183 -16.88 22.96 0.59
N GLY A 184 -16.56 24.17 1.04
CA GLY A 184 -16.72 24.56 2.44
C GLY A 184 -15.61 25.47 2.90
N GLU A 185 -15.46 25.59 4.22
CA GLU A 185 -14.43 26.46 4.81
C GLU A 185 -13.10 25.72 4.88
N PHE A 186 -12.14 26.19 4.11
CA PHE A 186 -10.87 25.51 3.98
C PHE A 186 -9.95 25.97 5.11
N LYS A 187 -9.46 25.01 5.89
CA LYS A 187 -8.59 25.31 7.02
C LYS A 187 -7.35 24.45 7.04
N LYS A 188 -6.25 25.06 7.47
CA LYS A 188 -4.99 24.38 7.72
C LYS A 188 -4.80 24.11 9.22
N ASN A 189 -4.62 22.85 9.60
CA ASN A 189 -4.60 22.43 10.99
C ASN A 189 -3.21 22.28 11.59
N ASN A 190 -2.25 21.88 10.77
CA ASN A 190 -0.84 21.99 11.13
C ASN A 190 -0.02 22.29 9.89
N SER A 191 1.19 22.80 10.10
CA SER A 191 2.08 23.09 9.00
C SER A 191 3.06 21.94 8.87
N ASN A 192 4.02 22.08 7.98
CA ASN A 192 5.07 21.10 7.84
C ASN A 192 6.28 21.47 8.67
N TYR A 193 6.12 22.37 9.65
CA TYR A 193 7.23 22.65 10.57
C TYR A 193 6.80 23.03 11.99
N GLY A 194 5.78 22.35 12.50
CA GLY A 194 5.49 22.36 13.94
C GLY A 194 4.36 23.26 14.41
N ALA A 195 3.83 24.10 13.53
CA ALA A 195 2.68 24.93 13.86
C ALA A 195 1.44 24.07 14.08
N VAL A 196 0.70 24.36 15.15
CA VAL A 196 -0.60 23.76 15.41
C VAL A 196 -1.57 24.91 15.30
N LEU A 197 -2.41 24.90 14.26
CA LEU A 197 -3.13 26.09 13.84
C LEU A 197 -4.62 26.08 14.16
N THR A 198 -5.14 24.95 14.63
CA THR A 198 -6.51 24.85 15.10
C THR A 198 -6.58 23.91 16.30
N ASN A 199 -7.71 23.98 17.01
CA ASN A 199 -7.94 23.18 18.20
C ASN A 199 -8.45 21.78 17.92
N ARG A 200 -8.66 21.43 16.66
CA ARG A 200 -9.24 20.12 16.36
C ARG A 200 -8.27 19.02 16.73
N SER A 201 -8.81 17.91 17.20
CA SER A 201 -8.01 16.78 17.64
C SER A 201 -7.59 15.83 16.49
N THR A 202 -8.53 15.46 15.65
CA THR A 202 -8.30 14.42 14.68
C THR A 202 -7.08 14.67 13.81
N PRO A 203 -6.91 15.89 13.28
CA PRO A 203 -5.74 16.19 12.46
C PRO A 203 -4.42 15.95 13.14
N GLN A 204 -4.32 16.29 14.42
CA GLN A 204 -3.07 16.15 15.15
C GLN A 204 -2.86 14.71 15.53
N ALA A 205 -3.92 14.04 15.93
CA ALA A 205 -3.86 12.65 16.25
C ALA A 205 -3.51 11.83 15.00
N PHE A 206 -3.94 12.28 13.83
CA PHE A 206 -3.57 11.58 12.60
C PHE A 206 -2.08 11.74 12.37
N SER A 207 -1.58 12.97 12.48
CA SER A 207 -0.17 13.20 12.30
C SER A 207 0.61 12.31 13.25
N HIS A 208 0.18 12.28 14.49
CA HIS A 208 0.87 11.49 15.51
C HIS A 208 0.82 10.00 15.15
N PHE A 209 -0.38 9.51 14.82
CA PHE A 209 -0.58 8.14 14.35
C PHE A 209 0.47 7.75 13.30
N THR A 210 0.65 8.62 12.31
CA THR A 210 1.57 8.32 11.20
C THR A 210 3.01 8.25 11.73
N TYR A 211 3.34 9.11 12.67
CA TYR A 211 4.68 9.13 13.28
C TYR A 211 4.94 7.82 14.02
N GLU A 212 4.03 7.40 14.89
CA GLU A 212 4.26 6.18 15.65
C GLU A 212 4.17 4.93 14.78
N LEU A 213 3.14 4.84 13.95
CA LEU A 213 2.93 3.60 13.21
C LEU A 213 3.87 3.41 12.03
N SER A 214 4.53 4.47 11.58
CA SER A 214 5.54 4.35 10.56
C SER A 214 6.89 4.02 11.16
N ASN A 215 6.94 3.77 12.45
CA ASN A 215 8.23 3.65 13.15
C ASN A 215 9.10 4.86 12.88
N LYS A 216 8.46 6.03 12.87
CA LYS A 216 9.14 7.32 12.67
C LYS A 216 9.81 7.46 11.30
N GLN A 217 9.42 6.62 10.35
CA GLN A 217 9.95 6.70 9.02
C GLN A 217 9.15 7.60 8.10
N MET A 218 7.95 8.02 8.50
CA MET A 218 7.03 8.67 7.54
C MET A 218 5.96 9.43 8.32
N ILE A 219 6.12 10.75 8.42
CA ILE A 219 5.21 11.60 9.18
C ILE A 219 4.43 12.40 8.18
N VAL A 220 3.11 12.43 8.34
CA VAL A 220 2.25 13.25 7.51
C VAL A 220 1.74 14.45 8.30
N VAL A 221 2.09 15.63 7.82
CA VAL A 221 1.63 16.86 8.40
C VAL A 221 1.08 17.75 7.27
N ASP A 222 1.01 19.07 7.46
CA ASP A 222 0.29 19.96 6.55
C ASP A 222 -1.14 19.44 6.39
N ILE A 223 -1.73 19.03 7.51
CA ILE A 223 -3.07 18.49 7.48
C ILE A 223 -4.06 19.63 7.29
N GLN A 224 -4.70 19.67 6.11
CA GLN A 224 -5.56 20.80 5.75
C GLN A 224 -6.66 20.41 4.79
N GLY A 225 -7.74 21.20 4.81
CA GLY A 225 -8.88 20.95 3.96
C GLY A 225 -10.15 21.48 4.55
N VAL A 226 -11.24 20.80 4.21
CA VAL A 226 -12.55 21.17 4.66
C VAL A 226 -12.99 20.00 5.47
N ASP A 227 -13.24 20.25 6.76
CA ASP A 227 -13.62 19.21 7.71
C ASP A 227 -12.59 18.11 7.69
N ASP A 228 -12.98 16.87 7.40
CA ASP A 228 -12.01 15.76 7.33
C ASP A 228 -11.81 15.22 5.90
N LEU A 229 -11.89 16.13 4.94
CA LEU A 229 -11.51 15.86 3.56
C LEU A 229 -10.30 16.72 3.36
N TYR A 230 -9.14 16.10 3.22
CA TYR A 230 -7.89 16.83 3.24
C TYR A 230 -7.19 16.80 1.89
N THR A 231 -6.29 17.76 1.69
CA THR A 231 -5.53 17.83 0.45
C THR A 231 -4.22 18.55 0.69
N ASP A 232 -3.32 18.43 -0.28
CA ASP A 232 -1.97 18.99 -0.19
C ASP A 232 -1.28 18.78 1.19
N PRO A 233 -1.16 17.51 1.65
CA PRO A 233 -0.34 17.25 2.83
C PRO A 233 1.13 17.27 2.51
N GLN A 234 1.93 17.08 3.54
CA GLN A 234 3.36 16.96 3.36
C GLN A 234 3.84 15.80 4.21
N ILE A 235 4.67 14.95 3.61
CA ILE A 235 5.38 13.91 4.31
C ILE A 235 6.81 14.35 4.66
N HIS A 236 7.24 14.03 5.88
CA HIS A 236 8.66 14.05 6.24
C HIS A 236 9.11 12.61 6.38
N THR A 237 10.32 12.34 5.88
CA THR A 237 10.99 11.07 6.10
C THR A 237 12.37 11.37 6.62
N PRO A 238 12.96 10.47 7.41
CA PRO A 238 14.22 10.79 8.09
C PRO A 238 15.36 11.20 7.16
N ASP A 239 15.45 10.59 5.98
CA ASP A 239 16.54 10.94 5.09
C ASP A 239 16.26 12.14 4.18
N GLY A 240 15.04 12.67 4.23
CA GLY A 240 14.68 13.83 3.44
C GLY A 240 14.43 13.58 1.97
N LYS A 241 14.67 12.36 1.51
CA LYS A 241 14.58 12.09 0.10
C LYS A 241 13.14 11.89 -0.33
N GLY A 242 12.84 12.42 -1.51
CA GLY A 242 11.53 12.28 -2.10
C GLY A 242 10.52 13.16 -1.38
N PHE A 243 9.26 12.94 -1.74
CA PHE A 243 8.14 13.69 -1.20
C PHE A 243 8.29 15.21 -1.31
N GLY A 244 8.93 15.64 -2.40
CA GLY A 244 9.01 17.06 -2.74
C GLY A 244 9.93 17.87 -1.86
N LEU A 245 9.79 19.18 -2.01
CA LEU A 245 10.69 20.11 -1.34
C LEU A 245 10.30 20.36 0.10
N GLY A 246 9.02 20.17 0.42
CA GLY A 246 8.56 20.30 1.78
C GLY A 246 8.94 19.18 2.74
N ASN A 247 9.72 18.22 2.28
CA ASN A 247 10.20 17.13 3.14
C ASN A 247 11.42 17.62 3.93
N LEU A 248 11.19 18.06 5.15
CA LEU A 248 12.23 18.61 6.01
C LEU A 248 12.92 17.59 6.90
N GLY A 249 12.82 16.33 6.51
CA GLY A 249 13.62 15.28 7.13
C GLY A 249 13.41 15.11 8.61
N LYS A 250 14.47 14.66 9.29
CA LYS A 250 14.50 14.53 10.75
C LYS A 250 14.05 15.80 11.45
N ALA A 251 14.47 16.93 10.91
CA ALA A 251 14.12 18.21 11.51
C ALA A 251 12.60 18.39 11.49
N GLY A 252 11.96 18.06 10.37
CA GLY A 252 10.51 18.22 10.27
C GLY A 252 9.81 17.34 11.30
N ILE A 253 10.33 16.12 11.43
CA ILE A 253 9.78 15.10 12.31
C ILE A 253 9.87 15.55 13.76
N ASN A 254 11.06 15.98 14.17
CA ASN A 254 11.30 16.46 15.53
C ASN A 254 10.45 17.66 15.87
N LYS A 255 10.36 18.58 14.94
CA LYS A 255 9.56 19.77 15.15
C LYS A 255 8.09 19.42 15.36
N PHE A 256 7.60 18.40 14.65
CA PHE A 256 6.21 18.01 14.85
C PHE A 256 6.05 17.44 16.24
N ILE A 257 6.91 16.48 16.57
CA ILE A 257 6.71 15.70 17.76
C ILE A 257 6.94 16.57 18.98
N THR A 258 7.83 17.56 18.90
CA THR A 258 8.05 18.44 20.05
C THR A 258 6.92 19.42 20.36
N THR A 259 6.24 19.98 19.34
CA THR A 259 5.06 20.85 19.60
C THR A 259 3.75 20.11 19.83
N HIS A 260 3.76 18.79 19.73
CA HIS A 260 2.52 18.01 19.74
C HIS A 260 2.09 17.68 21.16
N LYS A 261 0.81 17.91 21.45
CA LYS A 261 0.15 17.55 22.70
C LYS A 261 -0.93 16.54 22.39
N CYS A 262 -0.86 15.36 23.00
CA CYS A 262 -1.84 14.35 22.69
C CYS A 262 -3.22 14.81 23.15
N ASN A 263 -4.22 14.27 22.46
CA ASN A 263 -5.61 14.57 22.77
C ASN A 263 -6.33 13.24 22.95
N ALA A 264 -7.64 13.31 23.08
CA ALA A 264 -8.46 12.11 23.28
C ALA A 264 -8.35 11.06 22.16
N VAL A 265 -8.16 11.53 20.93
CA VAL A 265 -8.07 10.64 19.78
C VAL A 265 -6.76 9.88 19.87
N CYS A 266 -5.67 10.59 20.20
CA CYS A 266 -4.39 9.88 20.39
C CYS A 266 -4.60 8.79 21.41
N ALA A 267 -5.28 9.13 22.50
CA ALA A 267 -5.53 8.16 23.54
C ALA A 267 -6.39 6.99 23.06
N LEU A 268 -7.47 7.26 22.33
CA LEU A 268 -8.29 6.17 21.78
C LEU A 268 -7.46 5.26 20.90
N LEU A 269 -6.50 5.84 20.17
CA LEU A 269 -5.60 5.06 19.31
C LEU A 269 -4.41 4.46 20.04
N ASP A 270 -4.35 4.67 21.35
CA ASP A 270 -3.35 4.06 22.22
C ASP A 270 -1.91 4.45 21.82
N LEU A 271 -1.76 5.69 21.38
CA LEU A 271 -0.47 6.22 21.00
C LEU A 271 0.32 6.61 22.27
N ASP A 272 1.64 6.64 22.17
CA ASP A 272 2.48 7.04 23.31
C ASP A 272 2.22 8.49 23.67
N VAL A 273 1.97 8.77 24.93
CA VAL A 273 1.52 10.12 25.31
C VAL A 273 2.67 11.15 25.31
N LYS A 274 2.41 12.28 24.64
CA LYS A 274 3.35 13.40 24.51
C LYS A 274 2.73 14.60 25.16
N LEU A 275 3.54 15.33 25.92
CA LEU A 275 3.05 16.45 26.71
C LEU A 275 3.30 17.83 26.11
N GLY A 276 4.01 17.91 24.97
CA GLY A 276 4.23 19.20 24.26
C GLY A 276 5.40 20.05 24.74
N ILE B 18 9.17 -10.97 26.65
CA ILE B 18 10.08 -12.15 26.36
C ILE B 18 10.43 -12.99 27.62
N SER B 19 9.98 -14.25 27.62
CA SER B 19 9.83 -15.07 28.83
C SER B 19 11.04 -15.93 29.21
N SER B 20 11.17 -16.22 30.51
CA SER B 20 12.26 -17.07 31.05
C SER B 20 11.99 -18.56 30.85
N GLU B 21 10.73 -18.92 30.58
CA GLU B 21 10.37 -20.32 30.34
C GLU B 21 11.19 -20.89 29.17
N THR B 22 11.34 -22.21 29.12
CA THR B 22 12.14 -22.85 28.09
C THR B 22 11.38 -23.02 26.77
N GLY B 23 12.08 -22.66 25.69
CA GLY B 23 11.61 -22.83 24.32
C GLY B 23 12.81 -22.51 23.46
N GLU B 24 12.58 -21.95 22.27
CA GLU B 24 13.70 -21.61 21.40
C GLU B 24 13.58 -20.18 20.89
N MET B 25 14.72 -19.61 20.58
CA MET B 25 14.79 -18.23 20.14
C MET B 25 14.64 -18.15 18.63
N GLY B 26 14.13 -17.00 18.19
CA GLY B 26 14.05 -16.71 16.77
C GLY B 26 14.23 -15.23 16.46
N ILE B 27 14.84 -14.94 15.31
CA ILE B 27 14.78 -13.61 14.73
C ILE B 27 13.50 -13.56 13.94
N LEU B 28 12.71 -12.53 14.19
CA LEU B 28 11.36 -12.43 13.68
C LEU B 28 11.28 -11.23 12.76
N TRP B 29 10.76 -11.43 11.56
CA TRP B 29 10.71 -10.37 10.56
C TRP B 29 9.28 -10.07 10.16
N GLU B 30 8.91 -8.80 10.27
CA GLU B 30 7.61 -8.31 9.84
C GLU B 30 7.79 -7.34 8.69
N PHE B 31 7.06 -7.53 7.59
CA PHE B 31 7.07 -6.54 6.50
C PHE B 31 5.92 -5.56 6.67
N ASP B 32 6.19 -4.27 6.54
CA ASP B 32 5.16 -3.23 6.56
C ASP B 32 5.08 -2.55 5.20
N PRO B 33 4.05 -2.89 4.41
CA PRO B 33 3.95 -2.33 3.08
C PRO B 33 3.87 -0.82 3.01
N ILE B 34 3.25 -0.18 3.98
CA ILE B 34 3.02 1.24 3.83
C ILE B 34 4.29 2.09 3.97
N ILE B 35 5.29 1.58 4.68
CA ILE B 35 6.63 2.19 4.66
C ILE B 35 7.59 1.39 3.81
N ASN B 36 7.15 0.23 3.32
CA ASN B 36 7.97 -0.60 2.43
C ASN B 36 9.30 -1.00 3.09
N LYS B 37 9.20 -1.44 4.34
CA LYS B 37 10.38 -1.91 5.03
C LYS B 37 10.05 -3.08 5.93
N TRP B 38 11.09 -3.88 6.16
CA TRP B 38 11.03 -4.97 7.10
C TRP B 38 11.38 -4.43 8.47
N ILE B 39 10.78 -5.04 9.49
CA ILE B 39 11.00 -4.72 10.89
C ILE B 39 11.54 -5.99 11.52
N ARG B 40 12.71 -5.87 12.14
CA ARG B 40 13.43 -7.01 12.65
C ARG B 40 13.38 -7.04 14.17
N LEU B 41 12.96 -8.18 14.68
CA LEU B 41 12.66 -8.36 16.08
C LEU B 41 13.27 -9.68 16.52
N SER B 42 13.04 -10.04 17.78
CA SER B 42 13.33 -11.40 18.23
C SER B 42 12.07 -11.97 18.88
N MET B 43 12.00 -13.29 18.98
CA MET B 43 10.94 -13.89 19.80
C MET B 43 11.40 -15.21 20.36
N LYS B 44 10.65 -15.73 21.30
CA LYS B 44 10.87 -17.07 21.80
C LYS B 44 9.60 -17.86 21.55
N LEU B 45 9.78 -19.11 21.20
CA LEU B 45 8.63 -19.94 20.88
C LEU B 45 8.84 -21.38 21.24
N LYS B 46 7.74 -22.08 21.46
CA LYS B 46 7.77 -23.51 21.69
C LYS B 46 6.92 -24.19 20.65
N VAL B 47 7.51 -25.05 19.83
CA VAL B 47 6.79 -25.65 18.75
C VAL B 47 6.70 -27.14 18.98
N GLU B 48 5.51 -27.69 18.79
CA GLU B 48 5.31 -29.14 18.91
C GLU B 48 6.19 -29.88 17.93
N ARG B 49 6.56 -31.09 18.32
CA ARG B 49 7.54 -31.88 17.56
C ARG B 49 6.99 -32.36 16.21
N LYS B 50 5.70 -32.64 16.16
CA LYS B 50 5.03 -33.17 14.96
C LYS B 50 4.06 -32.16 14.37
N PRO B 51 3.97 -32.10 13.03
CA PRO B 51 3.04 -31.20 12.37
C PRO B 51 1.61 -31.68 12.49
N PHE B 52 0.67 -30.76 12.52
CA PHE B 52 -0.75 -31.10 12.59
C PHE B 52 -1.44 -31.08 11.23
N ALA B 53 -0.73 -30.68 10.18
CA ALA B 53 -1.29 -30.59 8.85
C ALA B 53 -0.20 -30.40 7.82
N GLU B 54 -0.55 -30.56 6.55
CA GLU B 54 0.38 -30.30 5.48
C GLU B 54 -0.31 -29.95 4.18
N GLY B 55 0.48 -29.39 3.26
CA GLY B 55 0.01 -29.06 1.93
C GLY B 55 0.98 -29.63 0.93
N ALA B 56 0.97 -29.07 -0.27
CA ALA B 56 1.84 -29.55 -1.32
C ALA B 56 3.32 -29.38 -0.94
N LEU B 57 3.70 -28.17 -0.51
CA LEU B 57 5.11 -27.87 -0.25
C LEU B 57 5.51 -27.78 1.23
N ARG B 58 4.56 -27.55 2.13
CA ARG B 58 4.91 -27.30 3.54
C ARG B 58 4.12 -28.11 4.58
N GLU B 59 4.71 -28.26 5.75
CA GLU B 59 4.04 -28.78 6.94
C GLU B 59 3.83 -27.68 7.97
N ALA B 60 2.75 -27.80 8.74
CA ALA B 60 2.35 -26.80 9.70
C ALA B 60 2.34 -27.39 11.10
N TYR B 61 2.83 -26.62 12.08
CA TYR B 61 3.01 -27.08 13.45
C TYR B 61 2.32 -26.14 14.42
N HIS B 62 1.67 -26.68 15.44
CA HIS B 62 1.17 -25.83 16.52
C HIS B 62 2.37 -25.30 17.30
N THR B 63 2.29 -24.03 17.68
CA THR B 63 3.38 -23.35 18.35
C THR B 63 2.77 -22.42 19.37
N VAL B 64 3.48 -22.19 20.48
CA VAL B 64 3.06 -21.18 21.45
C VAL B 64 4.15 -20.14 21.56
N SER B 65 3.73 -18.88 21.64
CA SER B 65 4.66 -17.77 21.80
C SER B 65 5.10 -17.60 23.24
N LEU B 66 6.40 -17.44 23.43
CA LEU B 66 6.96 -17.11 24.73
C LEU B 66 7.46 -15.68 24.74
N GLY B 67 6.83 -14.83 23.92
CA GLY B 67 7.12 -13.42 23.94
C GLY B 67 7.91 -12.92 22.76
N VAL B 68 7.80 -11.61 22.54
CA VAL B 68 8.45 -10.92 21.46
C VAL B 68 9.35 -9.85 22.06
N GLY B 69 10.55 -9.72 21.51
CA GLY B 69 11.48 -8.71 21.99
C GLY B 69 12.14 -7.98 20.85
N THR B 70 13.12 -7.16 21.17
CA THR B 70 13.89 -6.45 20.16
C THR B 70 14.96 -7.37 19.62
N ASP B 71 15.61 -6.92 18.55
CA ASP B 71 16.69 -7.70 17.97
C ASP B 71 18.11 -7.26 18.42
N GLU B 72 18.20 -6.47 19.48
CA GLU B 72 19.49 -5.83 19.85
C GLU B 72 20.60 -6.83 20.21
N ASN B 73 20.25 -7.98 20.80
CA ASN B 73 21.24 -9.01 21.09
C ASN B 73 21.83 -9.75 19.90
N TYR B 74 21.22 -9.62 18.73
CA TYR B 74 21.56 -10.47 17.60
C TYR B 74 21.96 -9.62 16.38
N PRO B 75 23.14 -9.00 16.44
CA PRO B 75 23.49 -8.02 15.42
C PRO B 75 23.49 -8.59 14.02
N LEU B 76 23.32 -7.70 13.05
CA LEU B 76 23.40 -8.05 11.65
C LEU B 76 24.85 -7.96 11.21
N GLY B 77 25.23 -8.82 10.28
CA GLY B 77 26.61 -8.87 9.79
C GLY B 77 27.04 -7.77 8.82
N THR B 78 27.92 -8.16 7.90
CA THR B 78 28.54 -7.24 6.94
C THR B 78 27.57 -6.88 5.80
N THR B 80 26.12 -6.06 3.26
CA THR B 80 26.81 -6.47 2.05
C THR B 80 26.12 -7.67 1.43
N LYS B 81 26.25 -8.84 2.08
CA LYS B 81 25.57 -10.03 1.62
C LYS B 81 24.26 -10.24 2.41
N LEU B 82 23.64 -9.13 2.80
CA LEU B 82 22.47 -9.15 3.66
C LEU B 82 21.21 -9.26 2.81
N PHE B 83 20.35 -10.25 3.12
CA PHE B 83 18.93 -10.23 2.71
C PHE B 83 17.94 -10.31 3.89
N PRO B 84 17.00 -9.38 3.95
CA PRO B 84 16.88 -8.29 2.98
C PRO B 84 17.97 -7.25 3.17
N PRO B 85 18.23 -6.43 2.13
CA PRO B 85 19.30 -5.44 2.25
C PRO B 85 18.98 -4.35 3.26
N ILE B 86 20.03 -3.76 3.80
CA ILE B 86 19.92 -2.83 4.92
C ILE B 86 18.96 -1.68 4.61
N GLU B 87 18.93 -1.24 3.35
CA GLU B 87 18.06 -0.12 2.98
C GLU B 87 16.59 -0.51 2.95
N MET B 88 16.29 -1.81 3.00
CA MET B 88 14.91 -2.32 3.10
C MET B 88 14.52 -2.62 4.55
N ILE B 89 15.36 -2.25 5.50
CA ILE B 89 15.10 -2.58 6.89
C ILE B 89 14.85 -1.29 7.65
N SER B 90 13.79 -1.25 8.45
CA SER B 90 13.52 -0.10 9.31
C SER B 90 14.52 -0.03 10.46
N PRO B 91 15.10 1.16 10.71
CA PRO B 91 16.01 1.28 11.85
C PRO B 91 15.29 1.25 13.18
N ILE B 92 13.98 1.49 13.15
CA ILE B 92 13.16 1.50 14.35
C ILE B 92 12.03 0.46 14.28
N SER B 93 11.83 -0.20 15.41
CA SER B 93 10.98 -1.36 15.46
C SER B 93 10.04 -1.35 16.64
N LYS B 94 9.89 -0.20 17.30
CA LYS B 94 8.99 -0.10 18.44
C LYS B 94 7.56 -0.48 18.09
N ASN B 95 7.14 -0.19 16.87
CA ASN B 95 5.79 -0.55 16.48
C ASN B 95 5.75 -1.64 15.45
N ASN B 96 4.84 -2.57 15.69
CA ASN B 96 4.69 -3.73 14.84
C ASN B 96 3.45 -4.48 15.29
N GLU B 97 2.93 -5.33 14.43
CA GLU B 97 1.78 -6.19 14.74
C GLU B 97 2.16 -7.32 15.65
N ALA B 98 3.37 -7.84 15.48
CA ALA B 98 3.86 -8.99 16.25
C ALA B 98 3.70 -8.84 17.74
N MET B 99 3.99 -7.65 18.27
CA MET B 99 3.99 -7.48 19.71
C MET B 99 2.60 -7.72 20.30
N THR B 100 1.53 -7.41 19.59
CA THR B 100 0.19 -7.80 20.09
C THR B 100 -0.19 -9.21 19.60
N GLN B 101 -0.02 -9.48 18.32
CA GLN B 101 -0.55 -10.74 17.76
C GLN B 101 0.27 -11.97 18.15
N LEU B 102 1.50 -11.78 18.61
CA LEU B 102 2.31 -12.89 19.07
C LEU B 102 2.79 -12.70 20.52
N LYS B 103 2.00 -11.97 21.31
CA LYS B 103 2.30 -11.79 22.74
C LYS B 103 2.40 -13.15 23.44
N ASN B 104 3.11 -13.19 24.55
CA ASN B 104 3.28 -14.41 25.33
C ASN B 104 1.96 -15.17 25.55
N GLY B 105 1.98 -16.47 25.29
CA GLY B 105 0.79 -17.32 25.46
C GLY B 105 -0.02 -17.56 24.19
N THR B 106 0.20 -16.76 23.14
CA THR B 106 -0.52 -16.93 21.88
C THR B 106 -0.20 -18.27 21.23
N LYS B 107 -1.25 -18.96 20.79
CA LYS B 107 -1.11 -20.15 20.00
C LYS B 107 -1.08 -19.71 18.54
N PHE B 108 -0.18 -20.26 17.75
CA PHE B 108 -0.03 -19.85 16.37
C PHE B 108 0.53 -21.00 15.56
N VAL B 109 0.77 -20.76 14.28
CA VAL B 109 1.22 -21.80 13.38
C VAL B 109 2.61 -21.48 12.81
N LEU B 110 3.42 -22.51 12.67
CA LEU B 110 4.76 -22.41 12.12
C LEU B 110 4.82 -23.35 10.95
N LYS B 111 5.34 -22.86 9.84
CA LYS B 111 5.37 -23.64 8.63
C LYS B 111 6.77 -23.84 8.11
N LEU B 112 7.12 -25.10 7.86
CA LEU B 112 8.43 -25.47 7.34
C LEU B 112 8.26 -26.12 6.01
N TYR B 113 9.19 -25.88 5.09
CA TYR B 113 9.19 -26.60 3.83
C TYR B 113 9.53 -28.04 4.10
N LYS B 114 8.93 -28.94 3.31
CA LYS B 114 9.26 -30.37 3.38
C LYS B 114 10.59 -30.61 2.64
N LYS B 115 11.33 -31.65 3.04
CA LYS B 115 12.64 -31.96 2.43
C LYS B 115 12.61 -31.80 0.91
N GLU B 116 11.56 -32.34 0.27
CA GLU B 116 11.46 -32.32 -1.19
C GLU B 116 11.50 -30.89 -1.76
N ALA B 117 10.71 -30.00 -1.17
CA ALA B 117 10.61 -28.61 -1.64
C ALA B 117 11.68 -27.65 -1.07
N GLU B 118 12.58 -28.16 -0.23
CA GLU B 118 13.54 -27.29 0.50
C GLU B 118 14.81 -26.98 -0.28
N GLN B 119 15.25 -27.93 -1.13
CA GLN B 119 16.31 -27.62 -2.08
C GLN B 119 15.88 -26.46 -2.96
N GLN B 120 14.58 -26.27 -3.10
CA GLN B 120 14.02 -25.13 -3.82
C GLN B 120 14.02 -23.85 -2.95
N ALA B 121 13.74 -24.02 -1.65
CA ALA B 121 13.71 -22.92 -0.67
C ALA B 121 15.06 -22.22 -0.48
N SER B 122 15.08 -20.93 -0.75
CA SER B 122 16.20 -20.08 -0.48
C SER B 122 15.76 -19.03 0.52
N ARG B 123 16.73 -18.37 1.13
CA ARG B 123 16.44 -17.34 2.12
C ARG B 123 15.44 -16.32 1.55
N GLU B 124 15.75 -15.82 0.35
CA GLU B 124 14.95 -14.81 -0.35
C GLU B 124 13.49 -15.27 -0.46
N LEU B 125 13.32 -16.54 -0.74
CA LEU B 125 12.01 -17.11 -0.92
C LEU B 125 11.10 -16.96 0.30
N TYR B 126 11.64 -17.07 1.50
CA TYR B 126 10.78 -16.99 2.67
C TYR B 126 10.29 -15.56 2.82
N PHE B 127 11.17 -14.62 2.53
CA PHE B 127 10.77 -13.22 2.56
C PHE B 127 9.79 -12.85 1.46
N GLU B 128 9.95 -13.44 0.27
CA GLU B 128 9.00 -13.25 -0.84
C GLU B 128 7.62 -13.74 -0.45
N ASP B 129 7.53 -14.92 0.16
CA ASP B 129 6.25 -15.49 0.52
C ASP B 129 5.53 -14.63 1.54
N VAL B 130 6.24 -14.16 2.54
CA VAL B 130 5.65 -13.30 3.56
C VAL B 130 5.26 -11.96 2.97
N LYS B 131 6.10 -11.38 2.11
CA LYS B 131 5.75 -10.11 1.49
C LYS B 131 4.47 -10.32 0.68
N MET B 132 4.45 -11.39 -0.08
CA MET B 132 3.29 -11.72 -0.92
C MET B 132 2.02 -11.73 -0.11
N GLN B 133 2.07 -12.41 1.02
CA GLN B 133 0.90 -12.41 1.87
C GLN B 133 0.51 -10.99 2.36
N MET B 134 1.51 -10.17 2.71
CA MET B 134 1.23 -8.80 3.13
C MET B 134 0.63 -7.99 1.97
N VAL B 135 1.06 -8.23 0.74
CA VAL B 135 0.49 -7.55 -0.40
C VAL B 135 -1.01 -7.95 -0.56
N CYS B 136 -1.28 -9.24 -0.42
CA CYS B 136 -2.63 -9.74 -0.49
C CYS B 136 -3.48 -9.15 0.64
N ARG B 137 -2.88 -8.98 1.80
CA ARG B 137 -3.57 -8.35 2.94
C ARG B 137 -4.03 -6.93 2.57
N ASP B 138 -3.19 -6.18 1.86
CA ASP B 138 -3.60 -4.87 1.39
C ASP B 138 -4.78 -4.97 0.40
N TRP B 139 -4.75 -5.97 -0.47
CA TRP B 139 -5.78 -6.12 -1.46
C TRP B 139 -7.10 -6.45 -0.79
N GLY B 140 -7.03 -7.29 0.22
CA GLY B 140 -8.15 -7.49 1.11
C GLY B 140 -8.77 -6.19 1.62
N ASN B 141 -7.96 -5.27 2.15
CA ASN B 141 -8.52 -4.02 2.67
C ASN B 141 -9.15 -3.17 1.57
N LYS B 142 -8.56 -3.21 0.39
CA LYS B 142 -9.07 -2.44 -0.73
C LYS B 142 -10.40 -3.00 -1.20
N PHE B 143 -10.48 -4.33 -1.22
CA PHE B 143 -11.71 -5.03 -1.54
C PHE B 143 -12.79 -4.63 -0.54
N ASN B 144 -12.45 -4.68 0.75
CA ASN B 144 -13.41 -4.34 1.79
C ASN B 144 -13.92 -2.93 1.71
N GLN B 145 -13.07 -1.99 1.32
CA GLN B 145 -13.50 -0.60 1.14
C GLN B 145 -14.63 -0.42 0.13
N LYS B 146 -14.87 -1.40 -0.75
CA LYS B 146 -16.03 -1.39 -1.63
C LYS B 146 -17.29 -1.93 -0.95
N LYS B 147 -17.16 -2.34 0.30
CA LYS B 147 -18.32 -2.66 1.13
C LYS B 147 -19.08 -3.82 0.53
N PRO B 148 -18.40 -4.93 0.26
CA PRO B 148 -19.07 -6.09 -0.29
C PRO B 148 -19.91 -6.75 0.78
N PRO B 149 -20.77 -7.71 0.40
CA PRO B 149 -21.58 -8.41 1.40
C PRO B 149 -20.75 -9.13 2.47
N LYS B 150 -19.63 -9.71 2.07
CA LYS B 150 -18.71 -10.33 3.02
C LYS B 150 -17.32 -9.72 2.91
N LYS B 151 -16.89 -9.02 3.95
CA LYS B 151 -15.52 -8.49 4.05
C LYS B 151 -14.62 -9.66 4.12
N ILE B 152 -13.39 -9.50 3.61
CA ILE B 152 -12.37 -10.53 3.75
C ILE B 152 -11.15 -10.01 4.50
N GLU B 153 -10.24 -10.92 4.84
CA GLU B 153 -9.05 -10.54 5.52
C GLU B 153 -8.00 -11.63 5.39
N PHE B 154 -6.76 -11.22 5.18
CA PHE B 154 -5.67 -12.15 5.18
C PHE B 154 -4.91 -11.98 6.46
N LEU B 155 -4.55 -13.10 7.05
CA LEU B 155 -3.74 -13.10 8.25
C LEU B 155 -2.39 -12.50 7.99
N MET B 156 -1.83 -11.93 9.05
CA MET B 156 -0.42 -11.58 9.07
C MET B 156 0.36 -12.85 8.81
N SER B 157 1.57 -12.66 8.34
CA SER B 157 2.54 -13.73 8.31
C SER B 157 3.90 -13.08 8.54
N TRP B 158 4.86 -13.86 9.02
CA TRP B 158 6.18 -13.35 9.42
C TRP B 158 7.24 -14.37 9.09
N VAL B 159 8.45 -13.92 8.82
CA VAL B 159 9.57 -14.84 8.67
C VAL B 159 10.20 -15.02 10.03
N VAL B 160 10.55 -16.26 10.36
CA VAL B 160 11.33 -16.52 11.57
C VAL B 160 12.59 -17.32 11.27
N GLU B 161 13.73 -16.77 11.71
CA GLU B 161 15.00 -17.48 11.67
C GLU B 161 15.11 -18.25 12.97
N LEU B 162 15.11 -19.57 12.88
CA LEU B 162 15.15 -20.41 14.06
C LEU B 162 16.62 -20.61 14.42
N ILE B 163 17.15 -19.59 15.08
CA ILE B 163 18.58 -19.48 15.32
C ILE B 163 19.12 -20.57 16.27
N ASP B 164 18.28 -21.10 17.17
CA ASP B 164 18.71 -22.17 18.08
C ASP B 164 18.89 -23.53 17.38
N ARG B 165 18.36 -23.69 16.19
CA ARG B 165 18.49 -24.95 15.48
C ARG B 165 19.75 -25.00 14.66
N SER B 166 20.36 -26.17 14.61
CA SER B 166 21.62 -26.32 13.94
C SER B 166 21.39 -26.29 12.45
N PRO B 167 22.24 -25.55 11.74
CA PRO B 167 22.17 -25.49 10.32
C PRO B 167 22.17 -26.87 9.73
N SER B 168 21.59 -26.91 8.54
CA SER B 168 21.62 -28.12 7.72
C SER B 168 23.07 -28.46 7.39
N SER B 169 23.29 -29.61 6.75
CA SER B 169 24.63 -29.97 6.26
C SER B 169 25.21 -28.86 5.36
N ASN B 170 24.35 -28.17 4.60
CA ASN B 170 24.71 -27.04 3.72
C ASN B 170 25.13 -25.71 4.37
N GLY B 171 24.89 -25.56 5.67
CA GLY B 171 25.38 -24.39 6.40
C GLY B 171 24.42 -23.21 6.55
N GLN B 172 23.27 -23.27 5.90
CA GLN B 172 22.27 -22.19 5.99
C GLN B 172 21.39 -22.40 7.21
N PRO B 173 21.09 -21.32 7.96
CA PRO B 173 20.19 -21.46 9.12
C PRO B 173 18.80 -21.98 8.74
N ILE B 174 18.10 -22.50 9.73
CA ILE B 174 16.77 -22.95 9.51
C ILE B 174 15.86 -21.74 9.52
N LEU B 175 15.11 -21.60 8.43
CA LEU B 175 14.08 -20.60 8.32
C LEU B 175 12.69 -21.24 8.26
N CYS B 176 11.68 -20.44 8.59
CA CYS B 176 10.30 -20.87 8.58
C CYS B 176 9.47 -19.62 8.44
N SER B 177 8.16 -19.78 8.27
CA SER B 177 7.29 -18.63 8.40
C SER B 177 6.25 -18.97 9.42
N ILE B 178 5.65 -17.95 10.01
CA ILE B 178 4.65 -18.16 11.03
C ILE B 178 3.47 -17.26 10.80
N GLU B 179 2.34 -17.65 11.37
CA GLU B 179 1.11 -16.92 11.21
C GLU B 179 0.13 -17.29 12.32
N PRO B 180 -0.92 -16.47 12.52
CA PRO B 180 -1.91 -16.80 13.53
C PRO B 180 -2.57 -18.16 13.27
N LEU B 181 -3.12 -18.77 14.31
CA LEU B 181 -3.83 -20.03 14.17
C LEU B 181 -5.24 -19.75 13.69
N LEU B 182 -5.66 -20.39 12.60
CA LEU B 182 -7.05 -20.31 12.20
C LEU B 182 -7.85 -21.36 12.96
N VAL B 183 -8.91 -20.93 13.60
CA VAL B 183 -9.79 -21.85 14.31
C VAL B 183 -11.07 -22.05 13.51
N GLY B 184 -11.28 -23.27 13.05
CA GLY B 184 -12.49 -23.63 12.33
C GLY B 184 -12.20 -24.59 11.20
N GLU B 185 -13.15 -24.71 10.28
CA GLU B 185 -13.01 -25.62 9.15
C GLU B 185 -12.22 -24.94 8.02
N PHE B 186 -11.04 -25.45 7.76
CA PHE B 186 -10.15 -24.82 6.80
C PHE B 186 -10.49 -25.32 5.42
N LYS B 187 -10.79 -24.40 4.50
CA LYS B 187 -11.14 -24.75 3.13
C LYS B 187 -10.38 -23.94 2.10
N LYS B 188 -10.06 -24.60 0.99
CA LYS B 188 -9.44 -23.98 -0.16
C LYS B 188 -10.52 -23.75 -1.22
N ASN B 189 -10.66 -22.49 -1.66
CA ASN B 189 -11.72 -22.11 -2.60
C ASN B 189 -11.30 -22.04 -4.05
N ASN B 190 -10.06 -21.65 -4.30
CA ASN B 190 -9.46 -21.85 -5.61
C ASN B 190 -8.00 -22.19 -5.45
N SER B 191 -7.40 -22.79 -6.47
CA SER B 191 -5.99 -23.11 -6.44
C SER B 191 -5.23 -22.01 -7.18
N ASN B 192 -3.93 -22.20 -7.37
CA ASN B 192 -3.15 -21.30 -8.16
C ASN B 192 -3.05 -21.75 -9.61
N TYR B 193 -3.94 -22.65 -10.04
CA TYR B 193 -3.96 -23.01 -11.45
C TYR B 193 -5.34 -23.39 -11.98
N GLY B 194 -6.36 -22.66 -11.56
CA GLY B 194 -7.67 -22.71 -12.21
C GLY B 194 -8.78 -23.52 -11.57
N ALA B 195 -8.44 -24.31 -10.57
CA ALA B 195 -9.45 -25.07 -9.83
C ALA B 195 -10.39 -24.14 -9.05
N VAL B 196 -11.70 -24.39 -9.16
CA VAL B 196 -12.71 -23.71 -8.36
C VAL B 196 -13.25 -24.82 -7.48
N LEU B 197 -12.97 -24.76 -6.18
CA LEU B 197 -13.13 -25.91 -5.32
C LEU B 197 -14.31 -25.83 -4.38
N THR B 198 -14.97 -24.67 -4.33
CA THR B 198 -16.18 -24.52 -3.54
C THR B 198 -17.14 -23.59 -4.27
N ASN B 199 -18.37 -23.64 -3.82
CA ASN B 199 -19.46 -22.88 -4.42
C ASN B 199 -19.46 -21.41 -4.03
N ARG B 200 -18.59 -21.01 -3.09
CA ARG B 200 -18.69 -19.66 -2.53
C ARG B 200 -18.32 -18.60 -3.56
N SER B 201 -19.01 -17.46 -3.50
CA SER B 201 -18.82 -16.37 -4.45
C SER B 201 -17.66 -15.42 -4.10
N THR B 202 -17.61 -15.01 -2.82
CA THR B 202 -16.71 -13.96 -2.42
C THR B 202 -15.27 -14.26 -2.84
N PRO B 203 -14.79 -15.49 -2.60
CA PRO B 203 -13.41 -15.81 -2.95
C PRO B 203 -13.09 -15.61 -4.42
N GLN B 204 -14.04 -15.96 -5.29
CA GLN B 204 -13.81 -15.88 -6.72
C GLN B 204 -13.95 -14.44 -7.20
N ALA B 205 -14.91 -13.73 -6.63
CA ALA B 205 -15.07 -12.32 -6.93
C ALA B 205 -13.86 -11.51 -6.43
N PHE B 206 -13.23 -11.96 -5.35
CA PHE B 206 -12.04 -11.27 -4.86
C PHE B 206 -10.90 -11.48 -5.87
N SER B 207 -10.69 -12.72 -6.29
CA SER B 207 -9.69 -12.99 -7.30
C SER B 207 -9.89 -12.12 -8.52
N HIS B 208 -11.13 -12.07 -8.99
CA HIS B 208 -11.46 -11.27 -10.15
C HIS B 208 -11.19 -9.78 -9.90
N PHE B 209 -11.69 -9.26 -8.78
CA PHE B 209 -11.46 -7.87 -8.35
C PHE B 209 -9.98 -7.50 -8.50
N THR B 210 -9.09 -8.38 -8.01
CA THR B 210 -7.66 -8.06 -8.00
C THR B 210 -7.12 -7.99 -9.41
N TYR B 211 -7.66 -8.84 -10.28
CA TYR B 211 -7.26 -8.84 -11.66
C TYR B 211 -7.68 -7.55 -12.33
N GLU B 212 -8.95 -7.17 -12.21
CA GLU B 212 -9.41 -5.96 -12.91
C GLU B 212 -8.82 -4.70 -12.30
N LEU B 213 -8.84 -4.59 -10.98
CA LEU B 213 -8.41 -3.33 -10.37
C LEU B 213 -6.90 -3.11 -10.35
N SER B 214 -6.11 -4.16 -10.57
CA SER B 214 -4.68 -3.99 -10.74
C SER B 214 -4.35 -3.64 -12.17
N ASN B 215 -5.37 -3.41 -12.99
CA ASN B 215 -5.15 -3.24 -14.44
C ASN B 215 -4.38 -4.42 -14.99
N LYS B 216 -4.73 -5.61 -14.51
CA LYS B 216 -4.14 -6.87 -14.99
C LYS B 216 -2.64 -7.03 -14.71
N GLN B 217 -2.13 -6.25 -13.78
CA GLN B 217 -0.76 -6.42 -13.34
C GLN B 217 -0.57 -7.65 -12.46
N MET B 218 -1.63 -8.05 -11.81
CA MET B 218 -1.57 -9.18 -10.92
C MET B 218 -2.95 -9.82 -10.69
N ILE B 219 -2.92 -11.04 -10.17
CA ILE B 219 -4.11 -11.63 -9.61
C ILE B 219 -3.75 -12.38 -8.36
N VAL B 220 -4.65 -12.35 -7.39
CA VAL B 220 -4.54 -13.18 -6.20
C VAL B 220 -5.48 -14.38 -6.27
N VAL B 221 -4.92 -15.58 -6.17
CA VAL B 221 -5.68 -16.83 -6.12
C VAL B 221 -5.16 -17.65 -4.94
N ASP B 222 -5.37 -18.98 -4.94
CA ASP B 222 -5.14 -19.82 -3.75
C ASP B 222 -5.88 -19.21 -2.57
N ILE B 223 -7.11 -18.79 -2.81
CA ILE B 223 -7.92 -18.18 -1.78
C ILE B 223 -8.41 -19.28 -0.83
N GLN B 224 -7.91 -19.29 0.40
CA GLN B 224 -8.15 -20.37 1.33
C GLN B 224 -8.04 -19.95 2.77
N GLY B 225 -8.76 -20.66 3.64
CA GLY B 225 -8.81 -20.35 5.05
C GLY B 225 -10.07 -20.83 5.72
N VAL B 226 -10.46 -20.12 6.76
CA VAL B 226 -11.65 -20.44 7.53
C VAL B 226 -12.54 -19.26 7.36
N ASP B 227 -13.71 -19.49 6.76
CA ASP B 227 -14.65 -18.43 6.42
C ASP B 227 -13.99 -17.37 5.56
N ASP B 228 -13.98 -16.13 5.99
CA ASP B 228 -13.33 -15.07 5.22
C ASP B 228 -12.07 -14.52 5.94
N LEU B 229 -11.39 -15.40 6.65
CA LEU B 229 -10.06 -15.15 7.16
C LEU B 229 -9.17 -16.08 6.37
N TYR B 230 -8.32 -15.51 5.54
CA TYR B 230 -7.58 -16.29 4.55
C TYR B 230 -6.09 -16.27 4.86
N THR B 231 -5.38 -17.24 4.31
CA THR B 231 -3.96 -17.34 4.47
C THR B 231 -3.32 -18.11 3.31
N ASP B 232 -2.00 -18.01 3.21
CA ASP B 232 -1.24 -18.58 2.11
C ASP B 232 -1.87 -18.44 0.71
N PRO B 233 -2.12 -17.20 0.28
CA PRO B 233 -2.53 -17.00 -1.11
C PRO B 233 -1.36 -17.06 -2.08
N GLN B 234 -1.66 -16.94 -3.36
CA GLN B 234 -0.64 -16.92 -4.39
C GLN B 234 -0.99 -15.84 -5.37
N ILE B 235 0.01 -15.03 -5.71
CA ILE B 235 -0.11 -14.01 -6.74
C ILE B 235 0.47 -14.54 -8.04
N HIS B 236 -0.23 -14.30 -9.14
CA HIS B 236 0.36 -14.41 -10.46
C HIS B 236 0.52 -13.02 -10.99
N THR B 237 1.63 -12.76 -11.66
CA THR B 237 1.82 -11.54 -12.43
C THR B 237 2.24 -11.93 -13.83
N PRO B 238 1.90 -11.11 -14.83
CA PRO B 238 2.17 -11.49 -16.21
C PRO B 238 3.63 -11.84 -16.54
N ASP B 239 4.59 -11.17 -15.92
CA ASP B 239 6.00 -11.48 -16.20
C ASP B 239 6.58 -12.62 -15.37
N GLY B 240 5.80 -13.17 -14.44
CA GLY B 240 6.23 -14.30 -13.61
C GLY B 240 7.23 -13.98 -12.52
N LYS B 241 7.71 -12.75 -12.48
CA LYS B 241 8.78 -12.41 -11.54
C LYS B 241 8.23 -12.20 -10.15
N GLY B 242 8.98 -12.66 -9.16
CA GLY B 242 8.65 -12.46 -7.77
C GLY B 242 7.49 -13.33 -7.35
N PHE B 243 6.99 -13.06 -6.15
CA PHE B 243 5.88 -13.76 -5.55
C PHE B 243 6.05 -15.28 -5.53
N GLY B 244 7.30 -15.70 -5.34
CA GLY B 244 7.60 -17.10 -5.10
C GLY B 244 7.50 -17.99 -6.32
N LEU B 245 7.55 -19.29 -6.07
CA LEU B 245 7.60 -20.27 -7.15
C LEU B 245 6.21 -20.57 -7.68
N GLY B 246 5.19 -20.32 -6.89
CA GLY B 246 3.81 -20.49 -7.33
C GLY B 246 3.29 -19.43 -8.29
N ASN B 247 4.13 -18.48 -8.69
CA ASN B 247 3.76 -17.45 -9.65
C ASN B 247 3.89 -18.04 -11.04
N LEU B 248 2.78 -18.53 -11.56
CA LEU B 248 2.77 -19.17 -12.87
C LEU B 248 2.52 -18.21 -14.03
N GLY B 249 2.72 -16.92 -13.79
CA GLY B 249 2.70 -15.93 -14.87
C GLY B 249 1.38 -15.82 -15.61
N LYS B 250 1.50 -15.46 -16.89
CA LYS B 250 0.36 -15.42 -17.79
C LYS B 250 -0.46 -16.72 -17.76
N ALA B 251 0.22 -17.84 -17.69
CA ALA B 251 -0.46 -19.13 -17.69
C ALA B 251 -1.36 -19.24 -16.47
N GLY B 252 -0.85 -18.84 -15.31
CA GLY B 252 -1.67 -18.87 -14.09
C GLY B 252 -2.90 -18.01 -14.19
N ILE B 253 -2.72 -16.83 -14.79
CA ILE B 253 -3.78 -15.85 -14.94
C ILE B 253 -4.85 -16.44 -15.86
N ASN B 254 -4.44 -16.92 -17.02
CA ASN B 254 -5.36 -17.44 -18.02
C ASN B 254 -6.12 -18.66 -17.52
N LYS B 255 -5.44 -19.52 -16.78
CA LYS B 255 -6.11 -20.66 -16.16
C LYS B 255 -7.24 -20.18 -15.28
N PHE B 256 -7.01 -19.09 -14.53
CA PHE B 256 -8.05 -18.57 -13.66
C PHE B 256 -9.21 -18.10 -14.51
N ILE B 257 -8.92 -17.37 -15.56
CA ILE B 257 -9.97 -16.89 -16.43
C ILE B 257 -10.80 -18.02 -17.04
N THR B 258 -10.12 -18.99 -17.65
CA THR B 258 -10.78 -20.17 -18.21
C THR B 258 -11.96 -20.59 -17.33
N THR B 259 -11.69 -20.88 -16.07
CA THR B 259 -12.70 -21.50 -15.19
C THR B 259 -13.53 -20.52 -14.34
N HIS B 260 -13.39 -19.21 -14.56
CA HIS B 260 -14.10 -18.23 -13.74
C HIS B 260 -15.45 -17.89 -14.34
N LYS B 261 -16.48 -17.93 -13.51
CA LYS B 261 -17.80 -17.42 -13.89
C LYS B 261 -18.16 -16.31 -12.94
N CYS B 262 -18.51 -15.14 -13.45
CA CYS B 262 -18.84 -14.04 -12.57
C CYS B 262 -20.09 -14.41 -11.78
N ASN B 263 -20.16 -13.85 -10.58
CA ASN B 263 -21.26 -14.14 -9.66
C ASN B 263 -21.81 -12.83 -9.22
N ALA B 264 -22.76 -12.87 -8.30
CA ALA B 264 -23.40 -11.65 -7.80
C ALA B 264 -22.44 -10.64 -7.19
N VAL B 265 -21.40 -11.12 -6.54
CA VAL B 265 -20.40 -10.23 -5.92
C VAL B 265 -19.62 -9.50 -7.01
N CYS B 266 -19.22 -10.21 -8.06
CA CYS B 266 -18.55 -9.54 -9.20
C CYS B 266 -19.45 -8.45 -9.69
N ALA B 267 -20.74 -8.78 -9.84
CA ALA B 267 -21.70 -7.81 -10.35
C ALA B 267 -21.84 -6.63 -9.42
N LEU B 268 -21.97 -6.88 -8.12
CA LEU B 268 -22.07 -5.79 -7.14
C LEU B 268 -20.87 -4.88 -7.24
N LEU B 269 -19.71 -5.47 -7.49
CA LEU B 269 -18.46 -4.69 -7.63
C LEU B 269 -18.26 -4.12 -9.01
N ASP B 270 -19.23 -4.32 -9.89
CA ASP B 270 -19.24 -3.73 -11.21
C ASP B 270 -18.02 -4.14 -12.05
N LEU B 271 -17.60 -5.38 -11.86
CA LEU B 271 -16.52 -5.96 -12.62
C LEU B 271 -17.02 -6.35 -14.02
N ASP B 272 -16.11 -6.35 -14.98
CA ASP B 272 -16.39 -6.61 -16.35
C ASP B 272 -16.52 -8.11 -16.44
N VAL B 273 -17.57 -8.61 -17.06
CA VAL B 273 -17.74 -10.05 -17.24
C VAL B 273 -16.82 -10.57 -18.36
N LYS B 274 -16.34 -9.63 -19.18
CA LYS B 274 -15.23 -9.88 -20.10
C LYS B 274 -13.92 -9.56 -19.39
N LEU B 275 -13.05 -10.55 -19.24
CA LEU B 275 -11.74 -10.39 -18.60
C LEU B 275 -10.65 -10.23 -19.67
N GLY B 276 -10.02 -9.07 -19.70
CA GLY B 276 -9.14 -8.73 -20.81
C GLY B 276 -7.93 -9.64 -20.92
N GLY B 277 -7.29 -9.56 -22.08
CA GLY B 277 -6.10 -10.38 -22.35
C GLY B 277 -4.91 -10.02 -21.48
N VAL B 278 -4.08 -11.01 -21.16
CA VAL B 278 -2.83 -10.81 -20.41
C VAL B 278 -1.84 -9.82 -21.08
N LEU B 279 -0.79 -9.48 -20.34
CA LEU B 279 0.22 -8.49 -20.77
C LEU B 279 1.44 -9.15 -21.43
#